data_5LBW
#
_entry.id   5LBW
#
_cell.length_a   57.398
_cell.length_b   81.372
_cell.length_c   106.403
_cell.angle_alpha   90.00
_cell.angle_beta   90.00
_cell.angle_gamma   90.00
#
_symmetry.space_group_name_H-M   'P 21 21 21'
#
loop_
_entity.id
_entity.type
_entity.pdbx_description
1 polymer 'Ribosyldihydronicotinamide dehydrogenase [quinone]'
2 non-polymer 'ZINC ION'
3 non-polymer 'FLAVIN-ADENINE DINUCLEOTIDE'
4 non-polymer volitinib
5 water water
#
_entity_poly.entity_id   1
_entity_poly.type   'polypeptide(L)'
_entity_poly.pdbx_seq_one_letter_code
;MAGKKVLIVYAHQEPKSFNGSLKNVAVDELSRQGCTVTVSDLYAMNLEPRATDKDITGTLSNPEVFNYGVETHEAYKQRS
LASDITDEQKKVREADLVIFQFPLYWFSVPAILKGWMDRVLCQGFAFDIPGFYDSGLLQGKLALLSVTTGGTAEMYTKTG
VNGDSRYFLWPLQHGTLHFCGFKVLAPQISFAPEIASEEERKGMVAAWSQRLQTIWKEEPIPCTAHWHFGQHHHHHH
;
_entity_poly.pdbx_strand_id   A,B
#
# COMPACT_ATOMS: atom_id res chain seq x y z
N LYS A 4 18.42 -22.08 -11.50
CA LYS A 4 17.29 -21.21 -11.11
C LYS A 4 17.74 -19.93 -10.38
N LYS A 5 17.04 -18.83 -10.67
CA LYS A 5 17.42 -17.49 -10.21
C LYS A 5 16.33 -16.87 -9.31
N VAL A 6 16.73 -16.41 -8.13
CA VAL A 6 15.83 -15.89 -7.12
C VAL A 6 16.17 -14.45 -6.78
N LEU A 7 15.15 -13.59 -6.79
CA LEU A 7 15.26 -12.21 -6.31
C LEU A 7 14.47 -12.12 -5.00
N ILE A 8 15.11 -11.66 -3.94
CA ILE A 8 14.43 -11.40 -2.67
C ILE A 8 14.35 -9.90 -2.50
N VAL A 9 13.13 -9.35 -2.54
CA VAL A 9 12.88 -7.94 -2.25
C VAL A 9 12.51 -7.84 -0.78
N TYR A 10 13.39 -7.22 0.00
CA TYR A 10 13.34 -7.20 1.47
C TYR A 10 13.09 -5.77 1.99
N ALA A 11 12.19 -5.64 2.96
CA ALA A 11 11.73 -4.34 3.44
C ALA A 11 11.60 -4.34 4.97
N HIS A 12 12.73 -4.37 5.66
CA HIS A 12 12.80 -4.13 7.11
C HIS A 12 14.06 -3.35 7.44
N GLN A 13 13.97 -2.52 8.48
CA GLN A 13 15.03 -1.55 8.82
C GLN A 13 16.21 -2.15 9.58
N GLU A 14 16.06 -3.37 10.09
CA GLU A 14 16.85 -3.88 11.21
C GLU A 14 17.28 -5.31 10.86
N PRO A 15 18.60 -5.54 10.68
CA PRO A 15 19.07 -6.89 10.27
C PRO A 15 18.81 -8.00 11.29
N LYS A 16 18.78 -7.68 12.59
CA LYS A 16 18.50 -8.69 13.64
C LYS A 16 17.01 -9.01 13.84
N SER A 17 16.14 -8.34 13.09
CA SER A 17 14.70 -8.59 13.13
C SER A 17 14.34 -10.02 12.70
N PHE A 18 13.15 -10.44 13.10
CA PHE A 18 12.58 -11.70 12.63
C PHE A 18 12.52 -11.71 11.11
N ASN A 19 12.16 -10.57 10.51
CA ASN A 19 12.18 -10.42 9.04
C ASN A 19 13.58 -10.62 8.48
N GLY A 20 14.57 -10.04 9.16
CA GLY A 20 15.97 -10.23 8.81
C GLY A 20 16.38 -11.70 8.81
N SER A 21 16.04 -12.39 9.91
CA SER A 21 16.29 -13.83 10.01
C SER A 21 15.69 -14.62 8.84
N LEU A 22 14.45 -14.32 8.47
CA LEU A 22 13.77 -15.05 7.39
C LEU A 22 14.44 -14.81 6.03
N LYS A 23 14.83 -13.57 5.78
CA LYS A 23 15.61 -13.22 4.58
C LYS A 23 16.95 -14.00 4.51
N ASN A 24 17.68 -14.05 5.62
CA ASN A 24 19.01 -14.72 5.66
C ASN A 24 18.89 -16.23 5.49
N VAL A 25 17.86 -16.80 6.09
CA VAL A 25 17.56 -18.21 5.91
C VAL A 25 17.20 -18.53 4.45
N ALA A 26 16.50 -17.61 3.80
CA ALA A 26 16.19 -17.78 2.39
C ALA A 26 17.45 -17.68 1.54
N VAL A 27 18.31 -16.71 1.85
CA VAL A 27 19.60 -16.57 1.17
C VAL A 27 20.44 -17.84 1.37
N ASP A 28 20.61 -18.26 2.64
CA ASP A 28 21.41 -19.44 2.98
C ASP A 28 20.92 -20.71 2.27
N GLU A 29 19.63 -21.03 2.42
CA GLU A 29 19.07 -22.26 1.86
C GLU A 29 19.04 -22.26 0.32
N LEU A 30 18.66 -21.16 -0.30
CA LEU A 30 18.64 -21.08 -1.77
C LEU A 30 20.04 -21.14 -2.37
N SER A 31 20.98 -20.46 -1.72
CA SER A 31 22.39 -20.49 -2.09
C SER A 31 22.96 -21.91 -1.97
N ARG A 32 22.62 -22.60 -0.89
CA ARG A 32 23.03 -23.99 -0.66
C ARG A 32 22.57 -24.95 -1.77
N GLN A 33 21.35 -24.76 -2.28
CA GLN A 33 20.84 -25.56 -3.42
C GLN A 33 21.54 -25.26 -4.75
N GLY A 34 22.28 -24.16 -4.83
CA GLY A 34 22.95 -23.77 -6.06
C GLY A 34 22.14 -22.80 -6.90
N CYS A 35 21.16 -22.14 -6.29
CA CYS A 35 20.45 -21.04 -6.95
C CYS A 35 21.30 -19.76 -7.00
N THR A 36 21.10 -19.00 -8.08
CA THR A 36 21.58 -17.63 -8.19
C THR A 36 20.67 -16.75 -7.34
N VAL A 37 21.23 -16.06 -6.35
CA VAL A 37 20.47 -15.29 -5.36
C VAL A 37 20.85 -13.79 -5.40
N THR A 38 19.83 -12.94 -5.43
CA THR A 38 20.00 -11.49 -5.40
C THR A 38 19.05 -10.94 -4.35
N VAL A 39 19.50 -9.94 -3.61
CA VAL A 39 18.67 -9.30 -2.58
C VAL A 39 18.62 -7.79 -2.80
N SER A 40 17.42 -7.25 -2.95
CA SER A 40 17.19 -5.80 -2.91
C SER A 40 16.75 -5.48 -1.49
N ASP A 41 17.70 -5.03 -0.69
CA ASP A 41 17.46 -4.50 0.66
C ASP A 41 17.06 -3.04 0.49
N LEU A 42 15.77 -2.77 0.52
CA LEU A 42 15.23 -1.46 0.10
C LEU A 42 15.61 -0.29 1.03
N TYR A 43 15.57 -0.53 2.33
CA TYR A 43 15.98 0.47 3.32
C TYR A 43 17.48 0.81 3.24
N ALA A 44 18.33 -0.20 3.09
CA ALA A 44 19.77 0.02 2.94
C ALA A 44 20.11 0.73 1.62
N MET A 45 19.37 0.43 0.55
CA MET A 45 19.48 1.16 -0.72
C MET A 45 18.87 2.56 -0.66
N ASN A 46 18.09 2.85 0.39
CA ASN A 46 17.30 4.08 0.52
C ASN A 46 16.47 4.34 -0.75
N LEU A 47 15.74 3.31 -1.17
CA LEU A 47 15.01 3.34 -2.44
C LEU A 47 13.97 4.45 -2.43
N GLU A 48 13.98 5.26 -3.50
CA GLU A 48 13.00 6.31 -3.71
C GLU A 48 11.61 5.67 -3.87
N PRO A 49 10.66 5.94 -2.93
CA PRO A 49 9.33 5.36 -3.10
C PRO A 49 8.36 6.21 -3.91
N ARG A 50 8.65 7.50 -4.09
CA ARG A 50 7.70 8.43 -4.67
C ARG A 50 7.67 8.29 -6.20
N ALA A 51 6.47 8.24 -6.78
CA ALA A 51 6.33 8.24 -8.24
C ALA A 51 6.39 9.69 -8.76
N THR A 52 7.57 10.16 -9.19
CA THR A 52 7.75 11.54 -9.66
C THR A 52 8.40 11.61 -11.04
N ASP A 53 8.45 12.81 -11.61
CA ASP A 53 9.12 13.06 -12.91
C ASP A 53 10.63 12.76 -12.93
N LYS A 54 11.25 12.67 -11.75
CA LYS A 54 12.65 12.23 -11.65
C LYS A 54 12.89 10.80 -12.13
N ASP A 55 11.83 10.01 -12.25
CA ASP A 55 11.90 8.66 -12.78
C ASP A 55 12.11 8.57 -14.31
N ILE A 56 11.94 9.68 -15.04
CA ILE A 56 12.32 9.76 -16.46
C ILE A 56 13.51 10.71 -16.64
N THR A 57 14.53 10.25 -17.37
CA THR A 57 15.78 11.00 -17.60
C THR A 57 15.92 11.49 -19.05
N GLY A 58 15.57 12.77 -19.24
CA GLY A 58 15.63 13.45 -20.53
C GLY A 58 14.44 14.41 -20.65
N THR A 59 14.09 14.79 -21.88
CA THR A 59 12.90 15.59 -22.12
C THR A 59 11.67 14.69 -21.95
N LEU A 60 10.71 15.15 -21.16
CA LEU A 60 9.42 14.47 -20.98
C LEU A 60 8.57 14.65 -22.25
N SER A 61 7.85 13.61 -22.64
CA SER A 61 6.98 13.64 -23.84
C SER A 61 5.93 14.78 -23.86
N ASN A 62 5.35 15.07 -22.69
CA ASN A 62 4.43 16.20 -22.51
C ASN A 62 4.88 16.98 -21.26
N PRO A 63 5.77 17.99 -21.43
CA PRO A 63 6.32 18.71 -20.27
C PRO A 63 5.34 19.63 -19.52
N GLU A 64 4.29 20.10 -20.19
CA GLU A 64 3.33 21.04 -19.58
C GLU A 64 2.39 20.34 -18.56
N VAL A 65 1.96 19.11 -18.89
CA VAL A 65 1.04 18.32 -18.06
C VAL A 65 1.66 16.95 -17.82
N PHE A 66 2.12 16.71 -16.59
CA PHE A 66 2.78 15.46 -16.26
C PHE A 66 1.79 14.31 -15.92
N ASN A 67 1.83 13.25 -16.73
CA ASN A 67 1.10 12.02 -16.49
C ASN A 67 2.15 10.92 -16.23
N TYR A 68 2.24 10.45 -14.99
CA TYR A 68 3.29 9.49 -14.59
C TYR A 68 3.19 8.17 -15.35
N GLY A 69 1.99 7.62 -15.45
CA GLY A 69 1.73 6.40 -16.22
C GLY A 69 2.19 6.49 -17.67
N VAL A 70 1.77 7.55 -18.35
CA VAL A 70 2.09 7.73 -19.77
C VAL A 70 3.59 7.96 -19.98
N GLU A 71 4.19 8.79 -19.14
CA GLU A 71 5.62 9.13 -19.27
C GLU A 71 6.55 7.95 -18.99
N THR A 72 6.29 7.16 -17.94
CA THR A 72 7.12 5.99 -17.65
C THR A 72 6.98 4.89 -18.71
N HIS A 73 5.81 4.75 -19.31
CA HIS A 73 5.62 3.77 -20.40
C HIS A 73 6.49 4.16 -21.61
N GLU A 74 6.37 5.41 -22.04
CA GLU A 74 7.22 5.97 -23.12
C GLU A 74 8.71 5.90 -22.76
N ALA A 75 9.05 6.19 -21.50
CA ALA A 75 10.44 6.09 -20.99
C ALA A 75 11.01 4.69 -21.06
N TYR A 76 10.19 3.67 -20.76
CA TYR A 76 10.63 2.27 -20.86
C TYR A 76 10.99 1.92 -22.31
N LYS A 77 10.11 2.27 -23.23
CA LYS A 77 10.33 2.01 -24.67
C LYS A 77 11.56 2.74 -25.22
N GLN A 78 11.82 3.95 -24.71
CA GLN A 78 12.98 4.76 -25.09
C GLN A 78 14.25 4.50 -24.23
N ARG A 79 14.16 3.58 -23.26
CA ARG A 79 15.29 3.21 -22.39
C ARG A 79 15.79 4.41 -21.59
N SER A 80 14.85 5.21 -21.11
CA SER A 80 15.12 6.48 -20.47
C SER A 80 14.66 6.54 -19.02
N LEU A 81 14.48 5.38 -18.37
CA LEU A 81 14.07 5.38 -16.96
C LEU A 81 15.30 5.59 -16.07
N ALA A 82 15.09 6.14 -14.89
CA ALA A 82 16.17 6.33 -13.90
C ALA A 82 16.86 5.00 -13.62
N SER A 83 18.17 5.07 -13.40
CA SER A 83 18.99 3.86 -13.24
C SER A 83 18.51 2.94 -12.11
N ASP A 84 17.99 3.48 -11.01
CA ASP A 84 17.49 2.66 -9.91
C ASP A 84 16.30 1.77 -10.33
N ILE A 85 15.39 2.32 -11.14
CA ILE A 85 14.29 1.55 -11.70
C ILE A 85 14.86 0.45 -12.61
N THR A 86 15.69 0.83 -13.58
CA THR A 86 16.19 -0.11 -14.58
C THR A 86 17.07 -1.22 -14.00
N ASP A 87 17.78 -0.94 -12.91
CA ASP A 87 18.57 -1.96 -12.23
C ASP A 87 17.66 -3.02 -11.58
N GLU A 88 16.59 -2.57 -10.93
CA GLU A 88 15.60 -3.50 -10.36
C GLU A 88 14.88 -4.29 -11.45
N GLN A 89 14.59 -3.65 -12.57
CA GLN A 89 13.97 -4.31 -13.72
C GLN A 89 14.83 -5.43 -14.30
N LYS A 90 16.15 -5.22 -14.35
CA LYS A 90 17.08 -6.27 -14.77
C LYS A 90 17.04 -7.47 -13.84
N LYS A 91 17.01 -7.22 -12.53
CA LYS A 91 16.93 -8.31 -11.53
C LYS A 91 15.66 -9.14 -11.66
N VAL A 92 14.52 -8.46 -11.85
CA VAL A 92 13.23 -9.11 -12.04
C VAL A 92 13.21 -9.88 -13.37
N ARG A 93 13.71 -9.26 -14.44
CA ARG A 93 13.73 -9.90 -15.76
C ARG A 93 14.51 -11.23 -15.72
N GLU A 94 15.63 -11.25 -14.99
CA GLU A 94 16.43 -12.46 -14.86
C GLU A 94 15.82 -13.50 -13.89
N ALA A 95 15.05 -13.06 -12.90
CA ALA A 95 14.55 -13.94 -11.85
C ALA A 95 13.44 -14.91 -12.31
N ASP A 96 13.56 -16.16 -11.87
CA ASP A 96 12.51 -17.19 -12.04
C ASP A 96 11.54 -17.16 -10.86
N LEU A 97 12.01 -16.75 -9.68
CA LEU A 97 11.19 -16.60 -8.49
C LEU A 97 11.52 -15.26 -7.82
N VAL A 98 10.49 -14.49 -7.46
CA VAL A 98 10.66 -13.25 -6.67
C VAL A 98 9.99 -13.43 -5.32
N ILE A 99 10.77 -13.49 -4.24
CA ILE A 99 10.22 -13.51 -2.86
C ILE A 99 10.17 -12.10 -2.31
N PHE A 100 9.03 -11.72 -1.74
CA PHE A 100 8.87 -10.45 -1.03
C PHE A 100 8.84 -10.73 0.46
N GLN A 101 9.80 -10.17 1.20
CA GLN A 101 9.89 -10.33 2.66
C GLN A 101 9.63 -9.00 3.34
N PHE A 102 8.60 -8.93 4.20
CA PHE A 102 8.18 -7.67 4.83
C PHE A 102 7.24 -7.87 6.02
N PRO A 103 7.25 -6.94 6.98
CA PRO A 103 6.22 -6.93 7.99
C PRO A 103 4.96 -6.27 7.42
N LEU A 104 3.80 -6.74 7.85
CA LEU A 104 2.54 -6.15 7.42
C LEU A 104 2.41 -4.74 8.01
N TYR A 105 2.25 -3.75 7.12
CA TYR A 105 2.00 -2.35 7.51
C TYR A 105 0.62 -1.94 7.04
N TRP A 106 -0.30 -1.72 7.97
CA TRP A 106 -1.67 -1.34 7.65
C TRP A 106 -2.33 -2.24 6.61
N PHE A 107 -2.28 -3.56 6.87
CA PHE A 107 -2.92 -4.59 6.04
C PHE A 107 -2.30 -4.62 4.64
N SER A 108 -1.06 -4.18 4.52
CA SER A 108 -0.39 -4.06 3.24
C SER A 108 1.16 -4.04 3.38
N VAL A 109 1.85 -3.69 2.30
CA VAL A 109 3.30 -3.58 2.33
C VAL A 109 3.73 -2.25 2.91
N PRO A 110 4.91 -2.19 3.55
CA PRO A 110 5.47 -0.90 3.90
C PRO A 110 5.65 -0.02 2.67
N ALA A 111 5.46 1.28 2.85
CA ALA A 111 5.48 2.25 1.74
C ALA A 111 6.72 2.17 0.87
N ILE A 112 7.87 1.89 1.47
CA ILE A 112 9.10 1.70 0.69
C ILE A 112 8.94 0.57 -0.34
N LEU A 113 8.31 -0.52 0.08
CA LEU A 113 8.02 -1.65 -0.80
C LEU A 113 6.89 -1.32 -1.77
N LYS A 114 5.90 -0.55 -1.31
CA LYS A 114 4.87 -0.05 -2.21
C LYS A 114 5.48 0.76 -3.34
N GLY A 115 6.47 1.59 -3.00
CA GLY A 115 7.22 2.37 -3.98
C GLY A 115 7.94 1.53 -5.02
N TRP A 116 8.59 0.47 -4.55
CA TRP A 116 9.21 -0.51 -5.45
C TRP A 116 8.18 -1.02 -6.45
N MET A 117 7.01 -1.43 -5.95
CA MET A 117 5.94 -1.95 -6.81
CA MET A 117 5.94 -1.95 -6.81
C MET A 117 5.46 -0.90 -7.80
N ASP A 118 5.21 0.33 -7.31
CA ASP A 118 4.69 1.41 -8.15
C ASP A 118 5.66 1.78 -9.27
N ARG A 119 6.95 1.84 -8.94
CA ARG A 119 7.95 2.37 -9.85
C ARG A 119 8.60 1.31 -10.76
N VAL A 120 8.78 0.09 -10.24
CA VAL A 120 9.48 -0.95 -11.01
C VAL A 120 8.59 -1.61 -12.08
N LEU A 121 7.34 -1.86 -11.73
CA LEU A 121 6.44 -2.67 -12.53
C LEU A 121 5.66 -1.76 -13.46
N CYS A 122 6.36 -1.10 -14.38
CA CYS A 122 5.73 -0.09 -15.22
C CYS A 122 5.14 -0.73 -16.46
N GLN A 123 4.30 0.01 -17.17
CA GLN A 123 3.73 -0.45 -18.42
C GLN A 123 4.84 -0.61 -19.45
N GLY A 124 4.77 -1.68 -20.24
CA GLY A 124 5.84 -2.07 -21.17
C GLY A 124 6.81 -3.11 -20.58
N PHE A 125 7.01 -3.09 -19.27
CA PHE A 125 7.91 -4.05 -18.60
C PHE A 125 7.12 -5.19 -17.93
N ALA A 126 6.16 -4.83 -17.08
CA ALA A 126 5.43 -5.81 -16.28
C ALA A 126 4.08 -6.20 -16.89
N PHE A 127 3.47 -5.27 -17.62
CA PHE A 127 2.21 -5.55 -18.29
C PHE A 127 2.07 -4.68 -19.52
N ASP A 128 1.01 -4.94 -20.28
CA ASP A 128 0.68 -4.17 -21.45
C ASP A 128 -0.85 -4.32 -21.69
N ILE A 129 -1.35 -3.68 -22.74
CA ILE A 129 -2.73 -3.83 -23.20
C ILE A 129 -2.66 -4.23 -24.69
N PRO A 130 -2.83 -5.52 -25.04
CA PRO A 130 -3.13 -6.60 -24.12
C PRO A 130 -1.88 -7.06 -23.39
N GLY A 131 -2.06 -7.87 -22.35
CA GLY A 131 -0.92 -8.44 -21.68
C GLY A 131 -0.98 -8.20 -20.20
N PHE A 132 -2.02 -8.72 -19.58
CA PHE A 132 -2.15 -8.66 -18.14
C PHE A 132 -2.90 -9.89 -17.65
N TYR A 133 -2.85 -10.08 -16.34
CA TYR A 133 -3.25 -11.33 -15.68
C TYR A 133 -2.49 -12.51 -16.31
N ASP A 134 -3.15 -13.53 -16.85
CA ASP A 134 -2.44 -14.70 -17.37
C ASP A 134 -1.55 -14.34 -18.59
N SER A 135 -1.90 -13.27 -19.32
CA SER A 135 -1.08 -12.77 -20.44
CA SER A 135 -1.08 -12.77 -20.44
C SER A 135 -0.08 -11.67 -20.02
N GLY A 136 0.14 -11.50 -18.71
CA GLY A 136 1.13 -10.53 -18.22
C GLY A 136 2.52 -10.76 -18.78
N LEU A 137 3.33 -9.70 -18.83
CA LEU A 137 4.67 -9.78 -19.46
C LEU A 137 5.71 -10.52 -18.61
N LEU A 138 5.43 -10.67 -17.31
CA LEU A 138 6.25 -11.50 -16.42
C LEU A 138 5.71 -12.94 -16.24
N GLN A 139 4.88 -13.39 -17.19
CA GLN A 139 4.46 -14.81 -17.23
C GLN A 139 5.68 -15.72 -17.31
N GLY A 140 5.57 -16.88 -16.66
CA GLY A 140 6.68 -17.80 -16.51
C GLY A 140 7.40 -17.64 -15.19
N LYS A 141 7.15 -16.54 -14.49
CA LYS A 141 7.80 -16.28 -13.21
C LYS A 141 6.88 -16.62 -12.05
N LEU A 142 7.49 -16.84 -10.89
CA LEU A 142 6.80 -17.15 -9.65
C LEU A 142 7.04 -16.01 -8.66
N ALA A 143 6.00 -15.66 -7.90
CA ALA A 143 6.10 -14.70 -6.82
C ALA A 143 5.59 -15.35 -5.54
N LEU A 144 6.09 -14.87 -4.40
CA LEU A 144 5.73 -15.42 -3.10
C LEU A 144 5.83 -14.34 -2.06
N LEU A 145 4.76 -14.13 -1.28
CA LEU A 145 4.79 -13.16 -0.21
C LEU A 145 5.14 -13.88 1.10
N SER A 146 6.25 -13.47 1.72
CA SER A 146 6.61 -13.91 3.09
C SER A 146 6.38 -12.71 3.99
N VAL A 147 5.31 -12.78 4.79
CA VAL A 147 4.82 -11.65 5.56
CA VAL A 147 4.82 -11.65 5.56
C VAL A 147 4.81 -12.00 7.04
N THR A 148 5.20 -11.05 7.88
CA THR A 148 5.07 -11.18 9.32
C THR A 148 3.97 -10.21 9.74
N THR A 149 3.31 -10.50 10.87
CA THR A 149 2.23 -9.68 11.39
C THR A 149 2.40 -9.46 12.89
N GLY A 150 1.81 -8.39 13.40
CA GLY A 150 1.63 -8.22 14.83
C GLY A 150 0.40 -8.98 15.32
N GLY A 151 -0.63 -9.03 14.46
CA GLY A 151 -1.88 -9.72 14.77
C GLY A 151 -1.76 -11.24 14.79
N THR A 152 -2.51 -11.86 15.71
CA THR A 152 -2.50 -13.31 15.87
C THR A 152 -3.29 -13.96 14.76
N ALA A 153 -3.03 -15.25 14.56
CA ALA A 153 -3.78 -16.08 13.62
C ALA A 153 -5.30 -15.98 13.86
N GLU A 154 -5.70 -16.09 15.13
CA GLU A 154 -7.12 -16.00 15.50
C GLU A 154 -7.76 -14.65 15.16
N MET A 155 -7.01 -13.56 15.29
CA MET A 155 -7.50 -12.25 14.81
C MET A 155 -7.67 -12.23 13.28
N TYR A 156 -6.84 -13.00 12.58
CA TYR A 156 -6.90 -13.05 11.12
C TYR A 156 -7.73 -14.21 10.58
N THR A 157 -8.96 -14.32 11.08
CA THR A 157 -9.95 -15.29 10.61
C THR A 157 -11.24 -14.58 10.21
N LYS A 158 -12.09 -15.29 9.46
CA LYS A 158 -13.38 -14.76 9.00
C LYS A 158 -14.23 -14.25 10.16
N THR A 159 -14.24 -15.00 11.27
CA THR A 159 -14.93 -14.60 12.50
C THR A 159 -14.13 -13.57 13.30
N GLY A 160 -12.80 -13.62 13.17
CA GLY A 160 -11.88 -12.69 13.85
C GLY A 160 -12.03 -11.21 13.52
N VAL A 161 -11.44 -10.37 14.36
CA VAL A 161 -11.65 -8.92 14.31
C VAL A 161 -10.96 -8.23 13.11
N ASN A 162 -9.85 -8.83 12.62
CA ASN A 162 -9.17 -8.33 11.41
C ASN A 162 -9.64 -8.96 10.08
N GLY A 163 -10.51 -9.97 10.14
CA GLY A 163 -10.91 -10.73 8.95
C GLY A 163 -9.87 -11.75 8.52
N ASP A 164 -10.23 -12.58 7.56
CA ASP A 164 -9.30 -13.60 7.01
C ASP A 164 -8.06 -12.93 6.44
N SER A 165 -6.90 -13.53 6.71
CA SER A 165 -5.64 -13.04 6.14
C SER A 165 -5.68 -12.96 4.62
N ARG A 166 -6.43 -13.84 3.97
CA ARG A 166 -6.57 -13.82 2.51
C ARG A 166 -7.22 -12.55 1.98
N TYR A 167 -8.02 -11.87 2.80
CA TYR A 167 -8.63 -10.60 2.39
C TYR A 167 -7.59 -9.53 2.06
N PHE A 168 -6.61 -9.35 2.95
CA PHE A 168 -5.55 -8.37 2.69
C PHE A 168 -4.55 -8.78 1.60
N LEU A 169 -4.46 -10.06 1.27
CA LEU A 169 -3.58 -10.51 0.19
C LEU A 169 -4.06 -10.16 -1.22
N TRP A 170 -5.36 -9.88 -1.36
CA TRP A 170 -5.98 -9.64 -2.67
C TRP A 170 -5.32 -8.55 -3.53
N PRO A 171 -5.13 -7.32 -3.00
CA PRO A 171 -4.46 -6.26 -3.78
C PRO A 171 -3.03 -6.61 -4.23
N LEU A 172 -2.32 -7.34 -3.38
CA LEU A 172 -0.94 -7.73 -3.63
C LEU A 172 -0.86 -8.90 -4.61
N GLN A 173 -1.51 -10.02 -4.27
CA GLN A 173 -1.40 -11.26 -5.05
C GLN A 173 -2.13 -11.17 -6.38
N HIS A 174 -3.36 -10.66 -6.34
CA HIS A 174 -4.18 -10.54 -7.56
C HIS A 174 -3.93 -9.20 -8.27
N GLY A 175 -4.20 -8.11 -7.54
CA GLY A 175 -4.10 -6.77 -8.09
C GLY A 175 -2.73 -6.37 -8.65
N THR A 176 -1.66 -6.89 -8.06
CA THR A 176 -0.31 -6.57 -8.50
C THR A 176 0.38 -7.75 -9.20
N LEU A 177 0.61 -8.83 -8.47
CA LEU A 177 1.46 -9.93 -8.96
C LEU A 177 0.81 -10.71 -10.11
N HIS A 178 -0.44 -11.17 -9.91
CA HIS A 178 -1.19 -11.86 -10.98
C HIS A 178 -1.38 -10.94 -12.18
N PHE A 179 -1.67 -9.67 -11.93
CA PHE A 179 -1.87 -8.69 -13.01
C PHE A 179 -0.68 -8.61 -13.95
N CYS A 180 0.53 -8.75 -13.39
CA CYS A 180 1.79 -8.75 -14.16
C CYS A 180 2.20 -10.11 -14.74
N GLY A 181 1.43 -11.15 -14.49
CA GLY A 181 1.70 -12.46 -15.09
C GLY A 181 2.38 -13.46 -14.20
N PHE A 182 2.74 -13.04 -12.99
CA PHE A 182 3.27 -14.00 -12.02
C PHE A 182 2.21 -15.05 -11.74
N LYS A 183 2.65 -16.29 -11.62
CA LYS A 183 1.90 -17.28 -10.89
C LYS A 183 2.32 -17.10 -9.43
N VAL A 184 1.37 -17.22 -8.51
CA VAL A 184 1.59 -16.88 -7.12
C VAL A 184 1.63 -18.16 -6.34
N LEU A 185 2.71 -18.33 -5.56
CA LEU A 185 2.83 -19.47 -4.68
C LEU A 185 2.11 -19.09 -3.40
N ALA A 186 1.73 -20.08 -2.60
CA ALA A 186 1.03 -19.84 -1.36
C ALA A 186 1.85 -18.89 -0.48
N PRO A 187 1.21 -17.95 0.19
CA PRO A 187 1.96 -17.03 1.03
C PRO A 187 2.55 -17.75 2.23
N GLN A 188 3.68 -17.26 2.71
CA GLN A 188 4.24 -17.70 3.98
C GLN A 188 3.85 -16.61 4.96
N ILE A 189 3.01 -16.96 5.93
CA ILE A 189 2.58 -16.00 6.93
C ILE A 189 3.05 -16.43 8.30
N SER A 190 3.93 -15.62 8.88
CA SER A 190 4.48 -15.86 10.19
C SER A 190 3.72 -14.94 11.14
N PHE A 191 2.74 -15.50 11.83
CA PHE A 191 1.85 -14.73 12.69
C PHE A 191 2.53 -14.37 14.02
N ALA A 192 2.44 -13.08 14.37
CA ALA A 192 2.71 -12.59 15.74
C ALA A 192 4.02 -13.04 16.38
N PRO A 193 5.17 -12.89 15.68
CA PRO A 193 6.45 -13.30 16.27
C PRO A 193 6.77 -12.60 17.59
N GLU A 194 6.40 -11.33 17.71
CA GLU A 194 6.61 -10.56 18.95
C GLU A 194 5.93 -11.22 20.18
N ILE A 195 4.68 -11.66 20.00
CA ILE A 195 3.89 -12.27 21.08
C ILE A 195 4.30 -13.74 21.31
N ALA A 196 4.62 -14.44 20.23
CA ALA A 196 5.00 -15.85 20.28
C ALA A 196 6.27 -16.11 21.11
N SER A 197 6.36 -17.32 21.67
CA SER A 197 7.55 -17.74 22.41
C SER A 197 8.73 -17.98 21.46
N GLU A 198 9.94 -17.97 22.03
CA GLU A 198 11.17 -18.19 21.26
C GLU A 198 11.16 -19.55 20.54
N GLU A 199 10.59 -20.54 21.20
CA GLU A 199 10.47 -21.89 20.64
CA GLU A 199 10.47 -21.89 20.63
C GLU A 199 9.49 -21.91 19.45
N GLU A 200 8.39 -21.17 19.57
CA GLU A 200 7.46 -20.98 18.44
C GLU A 200 8.13 -20.22 17.28
N ARG A 201 8.89 -19.18 17.62
CA ARG A 201 9.65 -18.40 16.63
CA ARG A 201 9.65 -18.40 16.63
C ARG A 201 10.62 -19.29 15.84
N LYS A 202 11.37 -20.13 16.55
CA LYS A 202 12.28 -21.11 15.94
C LYS A 202 11.56 -22.06 14.99
N GLY A 203 10.36 -22.49 15.39
CA GLY A 203 9.51 -23.35 14.56
C GLY A 203 9.08 -22.67 13.26
N MET A 204 8.76 -21.38 13.36
CA MET A 204 8.37 -20.59 12.17
C MET A 204 9.53 -20.40 11.20
N VAL A 205 10.73 -20.18 11.74
CA VAL A 205 11.94 -20.10 10.90
C VAL A 205 12.26 -21.47 10.29
N ALA A 206 12.23 -22.53 11.09
CA ALA A 206 12.49 -23.89 10.60
C ALA A 206 11.50 -24.31 9.51
N ALA A 207 10.23 -23.90 9.67
CA ALA A 207 9.19 -24.17 8.67
C ALA A 207 9.47 -23.48 7.34
N TRP A 208 9.92 -22.23 7.42
CA TRP A 208 10.31 -21.45 6.23
C TRP A 208 11.53 -22.08 5.56
N SER A 209 12.53 -22.47 6.35
CA SER A 209 13.70 -23.18 5.84
C SER A 209 13.29 -24.47 5.13
N GLN A 210 12.44 -25.24 5.81
CA GLN A 210 11.96 -26.51 5.30
C GLN A 210 11.24 -26.35 3.97
N ARG A 211 10.36 -25.35 3.89
CA ARG A 211 9.62 -25.09 2.66
C ARG A 211 10.54 -24.72 1.48
N LEU A 212 11.59 -23.97 1.76
CA LEU A 212 12.49 -23.50 0.69
C LEU A 212 13.24 -24.65 0.02
N GLN A 213 13.44 -25.74 0.74
CA GLN A 213 14.08 -26.95 0.20
C GLN A 213 13.35 -27.52 -1.01
N THR A 214 12.02 -27.46 -1.01
CA THR A 214 11.18 -28.03 -2.06
C THR A 214 10.38 -26.98 -2.83
N ILE A 215 10.84 -25.72 -2.78
CA ILE A 215 10.09 -24.60 -3.36
C ILE A 215 9.84 -24.73 -4.87
N TRP A 216 10.73 -25.40 -5.57
CA TRP A 216 10.66 -25.51 -7.03
C TRP A 216 9.64 -26.54 -7.52
N LYS A 217 9.20 -27.45 -6.63
CA LYS A 217 8.22 -28.49 -6.94
C LYS A 217 6.77 -28.07 -6.63
N GLU A 218 6.59 -26.90 -5.99
CA GLU A 218 5.26 -26.45 -5.60
C GLU A 218 4.42 -26.00 -6.79
N GLU A 219 3.12 -26.18 -6.66
CA GLU A 219 2.14 -25.62 -7.59
C GLU A 219 1.70 -24.22 -7.11
N PRO A 220 1.45 -23.31 -8.06
CA PRO A 220 0.91 -22.02 -7.66
C PRO A 220 -0.55 -22.14 -7.22
N ILE A 221 -0.98 -21.21 -6.37
CA ILE A 221 -2.39 -21.13 -6.01
C ILE A 221 -3.25 -20.75 -7.22
N PRO A 222 -4.56 -21.06 -7.18
CA PRO A 222 -5.47 -20.44 -8.14
C PRO A 222 -5.80 -19.04 -7.65
N CYS A 223 -5.18 -18.03 -8.28
CA CYS A 223 -5.31 -16.65 -7.80
C CYS A 223 -6.64 -16.05 -8.29
N THR A 224 -7.71 -16.38 -7.58
CA THR A 224 -9.05 -15.98 -7.95
C THR A 224 -9.75 -15.31 -6.79
N ALA A 225 -10.83 -14.59 -7.12
CA ALA A 225 -11.75 -14.06 -6.12
C ALA A 225 -12.23 -15.15 -5.17
N HIS A 226 -12.57 -16.31 -5.72
CA HIS A 226 -13.04 -17.46 -4.93
C HIS A 226 -12.00 -17.96 -3.91
N TRP A 227 -10.73 -17.97 -4.28
CA TRP A 227 -9.66 -18.37 -3.38
C TRP A 227 -9.53 -17.40 -2.20
N HIS A 228 -9.61 -16.12 -2.50
CA HIS A 228 -9.39 -15.09 -1.50
C HIS A 228 -10.59 -14.87 -0.61
N PHE A 229 -11.80 -14.98 -1.15
CA PHE A 229 -13.03 -14.58 -0.46
C PHE A 229 -14.03 -15.72 -0.16
N GLY A 230 -13.64 -16.97 -0.43
CA GLY A 230 -14.38 -18.14 0.03
C GLY A 230 -15.62 -18.44 -0.80
N GLY B 3 -19.16 25.28 12.77
CA GLY B 3 -17.91 25.40 11.95
C GLY B 3 -17.10 24.11 11.85
N LYS B 4 -17.44 23.30 10.84
CA LYS B 4 -16.78 22.00 10.63
C LYS B 4 -15.44 22.11 9.90
N LYS B 5 -14.51 21.21 10.23
CA LYS B 5 -13.12 21.26 9.74
C LYS B 5 -12.76 20.03 8.90
N VAL B 6 -12.23 20.29 7.71
CA VAL B 6 -11.94 19.26 6.73
C VAL B 6 -10.45 19.26 6.40
N LEU B 7 -9.84 18.07 6.45
CA LEU B 7 -8.47 17.85 5.97
C LEU B 7 -8.56 17.02 4.69
N ILE B 8 -7.97 17.50 3.61
CA ILE B 8 -7.87 16.75 2.37
C ILE B 8 -6.41 16.32 2.23
N VAL B 9 -6.16 15.02 2.32
CA VAL B 9 -4.84 14.44 2.04
C VAL B 9 -4.84 14.04 0.57
N TYR B 10 -4.03 14.74 -0.22
CA TYR B 10 -4.05 14.69 -1.69
C TYR B 10 -2.72 14.11 -2.22
N ALA B 11 -2.80 13.20 -3.18
CA ALA B 11 -1.65 12.44 -3.66
C ALA B 11 -1.69 12.30 -5.18
N HIS B 12 -1.45 13.41 -5.88
CA HIS B 12 -1.20 13.39 -7.33
C HIS B 12 -0.14 14.43 -7.68
N GLN B 13 0.65 14.14 -8.71
CA GLN B 13 1.85 14.93 -9.07
C GLN B 13 1.54 16.21 -9.84
N GLU B 14 0.32 16.34 -10.35
CA GLU B 14 0.00 17.23 -11.46
C GLU B 14 -1.28 17.98 -11.12
N PRO B 15 -1.20 19.31 -10.95
CA PRO B 15 -2.42 20.07 -10.55
C PRO B 15 -3.57 20.04 -11.57
N LYS B 16 -3.26 19.94 -12.86
CA LYS B 16 -4.29 19.92 -13.92
C LYS B 16 -4.94 18.53 -14.13
N SER B 17 -4.50 17.54 -13.37
CA SER B 17 -5.05 16.20 -13.40
C SER B 17 -6.54 16.17 -12.99
N PHE B 18 -7.20 15.09 -13.37
CA PHE B 18 -8.54 14.81 -12.91
C PHE B 18 -8.57 14.77 -11.38
N ASN B 19 -7.55 14.18 -10.76
CA ASN B 19 -7.43 14.18 -9.30
C ASN B 19 -7.32 15.58 -8.76
N GLY B 20 -6.53 16.42 -9.43
CA GLY B 20 -6.41 17.83 -9.09
C GLY B 20 -7.75 18.55 -9.13
N SER B 21 -8.49 18.36 -10.22
CA SER B 21 -9.84 18.91 -10.34
C SER B 21 -10.76 18.51 -9.19
N LEU B 22 -10.75 17.24 -8.79
CA LEU B 22 -11.60 16.76 -7.71
C LEU B 22 -11.23 17.39 -6.36
N LYS B 23 -9.93 17.50 -6.10
CA LYS B 23 -9.44 18.21 -4.91
C LYS B 23 -9.90 19.68 -4.88
N ASN B 24 -9.76 20.39 -6.00
CA ASN B 24 -10.11 21.82 -6.07
C ASN B 24 -11.60 22.07 -5.92
N VAL B 25 -12.38 21.17 -6.49
CA VAL B 25 -13.83 21.23 -6.35
C VAL B 25 -14.25 20.94 -4.92
N ALA B 26 -13.53 20.07 -4.23
CA ALA B 26 -13.78 19.84 -2.80
C ALA B 26 -13.41 21.06 -1.98
N VAL B 27 -12.27 21.68 -2.30
CA VAL B 27 -11.84 22.91 -1.64
C VAL B 27 -12.88 24.03 -1.88
N ASP B 28 -13.23 24.25 -3.15
CA ASP B 28 -14.22 25.27 -3.54
C ASP B 28 -15.56 25.10 -2.83
N GLU B 29 -16.15 23.92 -2.95
CA GLU B 29 -17.48 23.66 -2.39
C GLU B 29 -17.51 23.67 -0.85
N LEU B 30 -16.51 23.07 -0.21
CA LEU B 30 -16.46 23.07 1.26
C LEU B 30 -16.20 24.46 1.82
N SER B 31 -15.33 25.21 1.15
CA SER B 31 -15.06 26.61 1.49
C SER B 31 -16.31 27.47 1.35
N ARG B 32 -17.06 27.26 0.27
CA ARG B 32 -18.32 27.96 0.02
C ARG B 32 -19.37 27.75 1.14
N GLN B 33 -19.45 26.53 1.68
CA GLN B 33 -20.33 26.23 2.83
C GLN B 33 -19.88 26.88 4.14
N GLY B 34 -18.65 27.38 4.20
CA GLY B 34 -18.10 27.98 5.41
C GLY B 34 -17.30 27.01 6.27
N CYS B 35 -16.88 25.90 5.69
CA CYS B 35 -15.99 24.96 6.38
C CYS B 35 -14.54 25.48 6.39
N THR B 36 -13.83 25.13 7.46
CA THR B 36 -12.38 25.28 7.55
C THR B 36 -11.74 24.16 6.73
N VAL B 37 -10.95 24.53 5.72
CA VAL B 37 -10.35 23.56 4.78
C VAL B 37 -8.81 23.62 4.79
N THR B 38 -8.19 22.45 4.91
CA THR B 38 -6.74 22.30 4.89
C THR B 38 -6.40 21.19 3.90
N VAL B 39 -5.33 21.37 3.14
CA VAL B 39 -4.89 20.38 2.16
C VAL B 39 -3.42 20.02 2.43
N SER B 40 -3.15 18.73 2.63
CA SER B 40 -1.80 18.19 2.61
C SER B 40 -1.58 17.64 1.22
N ASP B 41 -0.91 18.45 0.39
CA ASP B 41 -0.48 18.09 -0.95
C ASP B 41 0.86 17.37 -0.79
N LEU B 42 0.83 16.03 -0.80
CA LEU B 42 1.97 15.22 -0.36
C LEU B 42 3.19 15.31 -1.29
N TYR B 43 2.94 15.32 -2.60
CA TYR B 43 4.02 15.47 -3.60
C TYR B 43 4.69 16.84 -3.54
N ALA B 44 3.90 17.90 -3.38
CA ALA B 44 4.45 19.26 -3.27
C ALA B 44 5.24 19.44 -1.95
N MET B 45 4.78 18.81 -0.87
CA MET B 45 5.51 18.75 0.41
C MET B 45 6.74 17.83 0.34
N ASN B 46 6.83 16.99 -0.70
CA ASN B 46 7.86 15.95 -0.83
C ASN B 46 7.93 15.08 0.42
N LEU B 47 6.77 14.62 0.88
CA LEU B 47 6.65 13.91 2.15
C LEU B 47 7.50 12.64 2.15
N GLU B 48 8.30 12.48 3.21
CA GLU B 48 9.10 11.29 3.44
C GLU B 48 8.16 10.10 3.63
N PRO B 49 8.19 9.10 2.72
CA PRO B 49 7.34 7.92 2.91
C PRO B 49 7.94 6.80 3.73
N ARG B 50 9.28 6.79 3.89
CA ARG B 50 9.96 5.65 4.49
C ARG B 50 9.84 5.68 6.01
N ALA B 51 9.50 4.54 6.61
CA ALA B 51 9.48 4.40 8.06
C ALA B 51 10.92 4.11 8.55
N THR B 52 11.64 5.15 8.99
CA THR B 52 13.04 4.99 9.46
C THR B 52 13.24 5.61 10.84
N ASP B 53 14.42 5.37 11.42
CA ASP B 53 14.82 5.95 12.72
C ASP B 53 14.91 7.49 12.73
N LYS B 54 14.98 8.12 11.56
CA LYS B 54 14.90 9.58 11.46
C LYS B 54 13.57 10.17 11.96
N ASP B 55 12.53 9.33 12.04
CA ASP B 55 11.24 9.74 12.58
C ASP B 55 11.21 9.94 14.11
N ILE B 56 12.25 9.50 14.85
CA ILE B 56 12.40 9.83 16.27
C ILE B 56 13.62 10.75 16.47
N THR B 57 13.42 11.84 17.20
CA THR B 57 14.45 12.83 17.55
C THR B 57 14.70 12.79 19.07
N GLY B 58 15.44 11.80 19.55
CA GLY B 58 15.58 11.58 20.99
C GLY B 58 16.18 10.22 21.27
N THR B 59 16.32 9.88 22.55
CA THR B 59 17.06 8.68 22.95
C THR B 59 16.16 7.47 22.70
N LEU B 60 16.67 6.47 21.96
CA LEU B 60 15.85 5.32 21.59
C LEU B 60 15.77 4.36 22.77
N SER B 61 14.59 3.78 23.02
CA SER B 61 14.40 2.80 24.11
C SER B 61 15.32 1.57 24.01
N ASN B 62 15.55 1.08 22.78
CA ASN B 62 16.50 0.00 22.50
C ASN B 62 17.36 0.45 21.30
N PRO B 63 18.49 1.13 21.56
CA PRO B 63 19.30 1.67 20.45
C PRO B 63 20.06 0.62 19.61
N GLU B 64 20.34 -0.56 20.17
CA GLU B 64 21.10 -1.59 19.43
C GLU B 64 20.27 -2.30 18.35
N VAL B 65 18.99 -2.54 18.64
CA VAL B 65 18.05 -3.23 17.74
C VAL B 65 16.83 -2.35 17.53
N PHE B 66 16.70 -1.79 16.34
CA PHE B 66 15.63 -0.84 16.03
C PHE B 66 14.29 -1.50 15.69
N ASN B 67 13.27 -1.21 16.50
CA ASN B 67 11.88 -1.63 16.26
C ASN B 67 11.09 -0.34 16.03
N TYR B 68 10.65 -0.11 14.78
CA TYR B 68 9.97 1.14 14.39
C TYR B 68 8.68 1.37 15.17
N GLY B 69 7.84 0.34 15.26
CA GLY B 69 6.61 0.38 16.04
C GLY B 69 6.82 0.80 17.49
N VAL B 70 7.74 0.13 18.17
CA VAL B 70 8.01 0.39 19.59
C VAL B 70 8.58 1.80 19.80
N GLU B 71 9.52 2.18 18.95
CA GLU B 71 10.19 3.48 19.07
C GLU B 71 9.28 4.68 18.79
N THR B 72 8.47 4.62 17.75
CA THR B 72 7.52 5.70 17.46
C THR B 72 6.42 5.84 18.52
N HIS B 73 6.02 4.74 19.15
CA HIS B 73 5.04 4.81 20.25
C HIS B 73 5.63 5.57 21.44
N GLU B 74 6.82 5.17 21.86
CA GLU B 74 7.56 5.89 22.92
C GLU B 74 7.84 7.35 22.54
N ALA B 75 8.19 7.59 21.27
CA ALA B 75 8.40 8.95 20.75
C ALA B 75 7.16 9.85 20.80
N TYR B 76 5.99 9.29 20.53
CA TYR B 76 4.74 10.06 20.62
C TYR B 76 4.49 10.49 22.06
N LYS B 77 4.63 9.57 23.01
CA LYS B 77 4.43 9.87 24.43
C LYS B 77 5.42 10.90 24.96
N GLN B 78 6.65 10.87 24.44
CA GLN B 78 7.71 11.83 24.80
C GLN B 78 7.74 13.10 23.93
N ARG B 79 6.82 13.21 22.96
CA ARG B 79 6.70 14.38 22.07
C ARG B 79 7.96 14.58 21.24
N SER B 80 8.53 13.46 20.79
CA SER B 80 9.83 13.41 20.15
C SER B 80 9.78 12.94 18.71
N LEU B 81 8.62 13.01 18.07
CA LEU B 81 8.51 12.61 16.66
C LEU B 81 8.97 13.75 15.77
N ALA B 82 9.47 13.40 14.57
CA ALA B 82 9.87 14.40 13.57
C ALA B 82 8.75 15.40 13.31
N SER B 83 9.11 16.65 13.08
CA SER B 83 8.12 17.72 12.97
C SER B 83 7.08 17.49 11.85
N ASP B 84 7.49 16.86 10.74
CA ASP B 84 6.55 16.57 9.64
C ASP B 84 5.42 15.61 10.06
N ILE B 85 5.76 14.61 10.88
CA ILE B 85 4.76 13.72 11.46
C ILE B 85 3.82 14.53 12.35
N THR B 86 4.39 15.24 13.31
CA THR B 86 3.59 15.95 14.33
C THR B 86 2.70 17.06 13.75
N ASP B 87 3.15 17.69 12.65
CA ASP B 87 2.34 18.69 11.96
C ASP B 87 1.11 18.06 11.32
N GLU B 88 1.28 16.92 10.66
CA GLU B 88 0.14 16.18 10.10
C GLU B 88 -0.80 15.65 11.18
N GLN B 89 -0.24 15.22 12.32
CA GLN B 89 -1.04 14.78 13.47
C GLN B 89 -1.94 15.89 14.03
N LYS B 90 -1.41 17.12 14.08
CA LYS B 90 -2.20 18.29 14.48
C LYS B 90 -3.38 18.53 13.52
N LYS B 91 -3.13 18.43 12.22
CA LYS B 91 -4.20 18.62 11.21
C LYS B 91 -5.32 17.58 11.33
N VAL B 92 -4.94 16.32 11.55
CA VAL B 92 -5.88 15.23 11.75
C VAL B 92 -6.64 15.43 13.07
N ARG B 93 -5.93 15.78 14.14
CA ARG B 93 -6.55 16.00 15.46
C ARG B 93 -7.65 17.07 15.38
N GLU B 94 -7.39 18.14 14.65
CA GLU B 94 -8.36 19.23 14.46
C GLU B 94 -9.51 18.88 13.51
N ALA B 95 -9.27 17.99 12.54
CA ALA B 95 -10.26 17.69 11.50
C ALA B 95 -11.46 16.85 12.01
N ASP B 96 -12.66 17.23 11.57
CA ASP B 96 -13.89 16.45 11.78
C ASP B 96 -14.08 15.43 10.66
N LEU B 97 -13.60 15.77 9.46
CA LEU B 97 -13.67 14.91 8.29
C LEU B 97 -12.30 14.93 7.60
N VAL B 98 -11.79 13.75 7.26
CA VAL B 98 -10.55 13.62 6.48
C VAL B 98 -10.88 12.97 5.13
N ILE B 99 -10.75 13.72 4.04
CA ILE B 99 -10.91 13.18 2.68
C ILE B 99 -9.53 12.78 2.14
N PHE B 100 -9.43 11.57 1.59
CA PHE B 100 -8.23 11.11 0.89
C PHE B 100 -8.51 11.11 -0.61
N GLN B 101 -7.75 11.91 -1.36
CA GLN B 101 -7.91 12.02 -2.81
C GLN B 101 -6.66 11.44 -3.49
N PHE B 102 -6.84 10.42 -4.34
CA PHE B 102 -5.71 9.72 -4.95
C PHE B 102 -6.12 8.85 -6.13
N PRO B 103 -5.21 8.63 -7.08
CA PRO B 103 -5.43 7.60 -8.08
C PRO B 103 -5.08 6.25 -7.50
N LEU B 104 -5.81 5.22 -7.90
CA LEU B 104 -5.55 3.86 -7.44
C LEU B 104 -4.20 3.41 -8.03
N TYR B 105 -3.27 3.04 -7.15
CA TYR B 105 -1.98 2.48 -7.55
C TYR B 105 -1.88 1.05 -7.03
N TRP B 106 -1.89 0.09 -7.96
CA TRP B 106 -1.85 -1.34 -7.63
C TRP B 106 -2.86 -1.73 -6.56
N PHE B 107 -4.13 -1.37 -6.82
CA PHE B 107 -5.29 -1.76 -5.98
C PHE B 107 -5.17 -1.15 -4.58
N SER B 108 -4.45 -0.03 -4.49
CA SER B 108 -4.17 0.61 -3.20
C SER B 108 -3.79 2.10 -3.39
N VAL B 109 -3.27 2.70 -2.31
CA VAL B 109 -2.83 4.10 -2.37
C VAL B 109 -1.44 4.19 -2.97
N PRO B 110 -1.13 5.33 -3.62
CA PRO B 110 0.27 5.56 -4.00
C PRO B 110 1.17 5.54 -2.77
N ALA B 111 2.40 5.05 -2.96
CA ALA B 111 3.36 4.87 -1.85
C ALA B 111 3.57 6.13 -1.01
N ILE B 112 3.54 7.31 -1.63
CA ILE B 112 3.64 8.56 -0.88
C ILE B 112 2.52 8.66 0.18
N LEU B 113 1.30 8.28 -0.22
CA LEU B 113 0.16 8.27 0.68
C LEU B 113 0.24 7.10 1.65
N LYS B 114 0.76 5.96 1.19
CA LYS B 114 1.02 4.85 2.12
C LYS B 114 1.98 5.28 3.22
N GLY B 115 3.00 6.05 2.86
CA GLY B 115 3.95 6.61 3.82
C GLY B 115 3.30 7.50 4.87
N TRP B 116 2.42 8.38 4.40
CA TRP B 116 1.61 9.21 5.29
C TRP B 116 0.89 8.33 6.31
N MET B 117 0.21 7.27 5.83
CA MET B 117 -0.52 6.36 6.70
CA MET B 117 -0.52 6.33 6.69
C MET B 117 0.41 5.66 7.70
N ASP B 118 1.53 5.14 7.20
CA ASP B 118 2.49 4.40 8.05
C ASP B 118 3.08 5.28 9.16
N ARG B 119 3.43 6.51 8.80
CA ARG B 119 4.17 7.38 9.69
C ARG B 119 3.29 8.27 10.60
N VAL B 120 2.13 8.71 10.09
CA VAL B 120 1.26 9.63 10.83
C VAL B 120 0.43 8.92 11.90
N LEU B 121 -0.09 7.75 11.58
CA LEU B 121 -1.07 7.05 12.41
C LEU B 121 -0.35 6.09 13.33
N CYS B 122 0.46 6.64 14.23
CA CYS B 122 1.31 5.80 15.08
C CYS B 122 0.54 5.41 16.33
N GLN B 123 1.08 4.42 17.04
CA GLN B 123 0.50 3.99 18.31
C GLN B 123 0.62 5.11 19.32
N GLY B 124 -0.44 5.30 20.12
CA GLY B 124 -0.58 6.44 21.03
C GLY B 124 -1.36 7.62 20.45
N PHE B 125 -1.31 7.80 19.12
CA PHE B 125 -2.05 8.88 18.45
C PHE B 125 -3.35 8.35 17.82
N ALA B 126 -3.21 7.33 16.97
CA ALA B 126 -4.33 6.82 16.19
C ALA B 126 -5.00 5.60 16.82
N PHE B 127 -4.23 4.81 17.53
CA PHE B 127 -4.76 3.65 18.23
C PHE B 127 -3.92 3.34 19.45
N ASP B 128 -4.36 2.34 20.20
CA ASP B 128 -3.65 1.84 21.36
C ASP B 128 -4.03 0.37 21.54
N ILE B 129 -3.42 -0.30 22.52
CA ILE B 129 -3.77 -1.69 22.85
C ILE B 129 -4.11 -1.75 24.34
N PRO B 130 -5.40 -1.76 24.74
CA PRO B 130 -6.57 -1.73 23.86
C PRO B 130 -6.81 -0.33 23.32
N GLY B 131 -7.71 -0.20 22.35
CA GLY B 131 -8.08 1.10 21.79
C GLY B 131 -7.94 1.11 20.27
N PHE B 132 -8.68 0.23 19.64
CA PHE B 132 -8.68 0.10 18.19
C PHE B 132 -10.05 -0.37 17.73
N TYR B 133 -10.27 -0.26 16.43
CA TYR B 133 -11.59 -0.37 15.82
C TYR B 133 -12.57 0.62 16.47
N ASP B 134 -13.68 0.17 17.06
CA ASP B 134 -14.66 1.10 17.64
C ASP B 134 -14.08 1.90 18.83
N SER B 135 -13.08 1.35 19.52
CA SER B 135 -12.36 2.06 20.60
C SER B 135 -11.10 2.79 20.11
N GLY B 136 -10.94 2.96 18.80
CA GLY B 136 -9.79 3.70 18.25
C GLY B 136 -9.74 5.13 18.76
N LEU B 137 -8.54 5.71 18.80
CA LEU B 137 -8.32 7.02 19.41
C LEU B 137 -8.80 8.19 18.55
N LEU B 138 -9.02 7.96 17.26
CA LEU B 138 -9.64 8.95 16.37
C LEU B 138 -11.16 8.76 16.21
N GLN B 139 -11.78 8.07 17.17
CA GLN B 139 -13.23 7.99 17.24
C GLN B 139 -13.87 9.39 17.30
N GLY B 140 -15.02 9.53 16.66
CA GLY B 140 -15.67 10.81 16.52
C GLY B 140 -15.39 11.46 15.17
N LYS B 141 -14.39 10.95 14.44
CA LYS B 141 -14.01 11.53 13.15
C LYS B 141 -14.55 10.74 11.99
N LEU B 142 -14.64 11.38 10.84
CA LEU B 142 -15.12 10.76 9.60
C LEU B 142 -13.99 10.74 8.59
N ALA B 143 -13.91 9.63 7.83
CA ALA B 143 -12.98 9.50 6.73
C ALA B 143 -13.75 9.15 5.47
N LEU B 144 -13.19 9.50 4.32
CA LEU B 144 -13.83 9.25 3.02
C LEU B 144 -12.73 9.09 1.97
N LEU B 145 -12.77 7.99 1.22
CA LEU B 145 -11.83 7.78 0.16
C LEU B 145 -12.44 8.26 -1.17
N SER B 146 -11.79 9.22 -1.82
CA SER B 146 -12.14 9.64 -3.19
C SER B 146 -11.03 9.13 -4.08
N VAL B 147 -11.35 8.10 -4.87
CA VAL B 147 -10.36 7.35 -5.65
CA VAL B 147 -10.36 7.36 -5.64
C VAL B 147 -10.70 7.42 -7.13
N THR B 148 -9.68 7.57 -7.97
CA THR B 148 -9.83 7.46 -9.42
C THR B 148 -9.14 6.15 -9.83
N THR B 149 -9.57 5.57 -10.94
CA THR B 149 -9.03 4.31 -11.44
C THR B 149 -8.79 4.38 -12.94
N GLY B 150 -7.88 3.56 -13.43
CA GLY B 150 -7.76 3.29 -14.87
C GLY B 150 -8.78 2.25 -15.32
N GLY B 151 -9.08 1.30 -14.43
CA GLY B 151 -10.07 0.25 -14.70
C GLY B 151 -11.50 0.74 -14.73
N THR B 152 -12.30 0.16 -15.64
CA THR B 152 -13.70 0.51 -15.80
C THR B 152 -14.52 -0.09 -14.67
N ALA B 153 -15.72 0.45 -14.50
CA ALA B 153 -16.70 -0.06 -13.54
C ALA B 153 -16.95 -1.54 -13.74
N GLU B 154 -17.15 -1.94 -15.00
CA GLU B 154 -17.39 -3.35 -15.35
C GLU B 154 -16.22 -4.27 -14.98
N MET B 155 -14.99 -3.80 -15.13
CA MET B 155 -13.81 -4.55 -14.65
C MET B 155 -13.83 -4.69 -13.12
N TYR B 156 -14.39 -3.71 -12.43
CA TYR B 156 -14.45 -3.74 -10.96
C TYR B 156 -15.77 -4.30 -10.41
N THR B 157 -16.16 -5.47 -10.91
CA THR B 157 -17.33 -6.22 -10.43
C THR B 157 -16.92 -7.64 -10.04
N LYS B 158 -17.79 -8.31 -9.27
CA LYS B 158 -17.54 -9.68 -8.82
C LYS B 158 -17.25 -10.63 -9.99
N THR B 159 -17.99 -10.46 -11.07
CA THR B 159 -17.77 -11.23 -12.31
C THR B 159 -16.61 -10.67 -13.13
N GLY B 160 -16.34 -9.37 -12.99
CA GLY B 160 -15.23 -8.68 -13.67
C GLY B 160 -13.83 -9.17 -13.36
N VAL B 161 -12.89 -8.78 -14.21
CA VAL B 161 -11.53 -9.31 -14.16
C VAL B 161 -10.69 -8.78 -12.98
N ASN B 162 -11.02 -7.58 -12.48
CA ASN B 162 -10.38 -7.02 -11.28
C ASN B 162 -11.09 -7.32 -9.95
N GLY B 163 -12.26 -7.94 -9.99
CA GLY B 163 -13.09 -8.16 -8.79
C GLY B 163 -13.84 -6.92 -8.36
N ASP B 164 -14.74 -7.08 -7.38
CA ASP B 164 -15.52 -5.96 -6.84
C ASP B 164 -14.58 -4.88 -6.27
N SER B 165 -14.90 -3.62 -6.55
CA SER B 165 -14.16 -2.51 -5.97
C SER B 165 -14.08 -2.56 -4.44
N ARG B 166 -15.12 -3.07 -3.78
CA ARG B 166 -15.14 -3.23 -2.33
C ARG B 166 -14.02 -4.14 -1.79
N TYR B 167 -13.54 -5.07 -2.61
CA TYR B 167 -12.45 -5.95 -2.20
C TYR B 167 -11.17 -5.16 -1.89
N PHE B 168 -10.76 -4.26 -2.79
CA PHE B 168 -9.58 -3.44 -2.54
C PHE B 168 -9.74 -2.36 -1.47
N LEU B 169 -10.98 -1.99 -1.13
CA LEU B 169 -11.22 -1.00 -0.07
C LEU B 169 -10.98 -1.54 1.34
N TRP B 170 -11.02 -2.86 1.50
CA TRP B 170 -10.95 -3.51 2.82
C TRP B 170 -9.71 -3.12 3.67
N PRO B 171 -8.48 -3.23 3.12
CA PRO B 171 -7.27 -2.82 3.88
C PRO B 171 -7.26 -1.35 4.29
N LEU B 172 -7.80 -0.49 3.42
CA LEU B 172 -7.87 0.96 3.65
C LEU B 172 -8.96 1.33 4.64
N GLN B 173 -10.21 0.97 4.33
CA GLN B 173 -11.38 1.38 5.12
C GLN B 173 -11.42 0.67 6.47
N HIS B 174 -11.22 -0.65 6.45
CA HIS B 174 -11.27 -1.46 7.67
C HIS B 174 -9.92 -1.55 8.36
N GLY B 175 -8.93 -2.07 7.64
CA GLY B 175 -7.58 -2.27 8.16
C GLY B 175 -6.87 -1.04 8.68
N THR B 176 -7.13 0.12 8.08
CA THR B 176 -6.49 1.36 8.48
C THR B 176 -7.46 2.32 9.20
N LEU B 177 -8.48 2.80 8.48
CA LEU B 177 -9.35 3.88 8.97
C LEU B 177 -10.22 3.43 10.15
N HIS B 178 -10.96 2.33 9.99
CA HIS B 178 -11.76 1.76 11.08
C HIS B 178 -10.90 1.37 12.28
N PHE B 179 -9.74 0.78 12.01
CA PHE B 179 -8.81 0.37 13.06
C PHE B 179 -8.41 1.54 13.98
N CYS B 180 -8.29 2.73 13.40
CA CYS B 180 -8.02 3.97 14.15
C CYS B 180 -9.24 4.67 14.76
N GLY B 181 -10.44 4.14 14.54
CA GLY B 181 -11.65 4.71 15.13
C GLY B 181 -12.46 5.63 14.22
N PHE B 182 -11.98 5.91 13.01
CA PHE B 182 -12.80 6.61 12.02
C PHE B 182 -14.07 5.81 11.74
N LYS B 183 -15.18 6.52 11.65
CA LYS B 183 -16.32 6.03 10.91
C LYS B 183 -16.08 6.40 9.44
N VAL B 184 -16.44 5.51 8.54
CA VAL B 184 -16.11 5.64 7.12
C VAL B 184 -17.36 6.01 6.36
N LEU B 185 -17.31 7.07 5.58
CA LEU B 185 -18.39 7.42 4.66
C LEU B 185 -18.20 6.61 3.41
N ALA B 186 -19.26 6.45 2.62
CA ALA B 186 -19.18 5.66 1.40
C ALA B 186 -18.09 6.24 0.48
N PRO B 187 -17.32 5.39 -0.18
CA PRO B 187 -16.25 5.90 -1.03
C PRO B 187 -16.81 6.60 -2.25
N GLN B 188 -16.07 7.59 -2.76
CA GLN B 188 -16.36 8.19 -4.05
C GLN B 188 -15.39 7.55 -5.02
N ILE B 189 -15.91 6.81 -5.98
CA ILE B 189 -15.07 6.17 -6.98
C ILE B 189 -15.40 6.71 -8.36
N SER B 190 -14.42 7.39 -8.96
CA SER B 190 -14.54 7.95 -10.29
C SER B 190 -13.82 6.99 -11.24
N PHE B 191 -14.59 6.16 -11.91
CA PHE B 191 -14.04 5.12 -12.77
C PHE B 191 -13.52 5.65 -14.12
N ALA B 192 -12.29 5.27 -14.45
CA ALA B 192 -11.75 5.37 -15.83
C ALA B 192 -11.88 6.74 -16.51
N PRO B 193 -11.46 7.83 -15.81
CA PRO B 193 -11.52 9.16 -16.42
C PRO B 193 -10.73 9.28 -17.74
N GLU B 194 -9.59 8.59 -17.84
CA GLU B 194 -8.79 8.59 -19.08
C GLU B 194 -9.58 8.07 -20.30
N ILE B 195 -10.33 6.99 -20.11
CA ILE B 195 -11.10 6.37 -21.20
C ILE B 195 -12.42 7.13 -21.45
N ALA B 196 -13.02 7.66 -20.39
CA ALA B 196 -14.29 8.39 -20.48
C ALA B 196 -14.20 9.65 -21.34
N SER B 197 -15.33 10.04 -21.93
CA SER B 197 -15.43 11.30 -22.69
C SER B 197 -15.36 12.51 -21.76
N GLU B 198 -15.04 13.68 -22.31
CA GLU B 198 -14.95 14.94 -21.55
C GLU B 198 -16.27 15.28 -20.85
N GLU B 199 -17.38 14.99 -21.53
CA GLU B 199 -18.71 15.21 -20.99
C GLU B 199 -19.00 14.28 -19.80
N GLU B 200 -18.58 13.02 -19.91
CA GLU B 200 -18.65 12.07 -18.79
C GLU B 200 -17.76 12.51 -17.62
N ARG B 201 -16.55 12.97 -17.94
CA ARG B 201 -15.62 13.50 -16.93
C ARG B 201 -16.22 14.67 -16.14
N LYS B 202 -16.83 15.62 -16.86
CA LYS B 202 -17.54 16.75 -16.24
C LYS B 202 -18.66 16.29 -15.30
N GLY B 203 -19.39 15.25 -15.73
CA GLY B 203 -20.44 14.66 -14.90
C GLY B 203 -19.92 14.04 -13.62
N MET B 204 -18.76 13.39 -13.69
CA MET B 204 -18.12 12.78 -12.52
C MET B 204 -17.64 13.83 -11.51
N VAL B 205 -17.11 14.93 -12.03
CA VAL B 205 -16.73 16.08 -11.18
C VAL B 205 -17.98 16.73 -10.56
N ALA B 206 -18.98 17.00 -11.38
CA ALA B 206 -20.24 17.59 -10.90
C ALA B 206 -20.95 16.71 -9.86
N ALA B 207 -20.86 15.39 -10.03
CA ALA B 207 -21.42 14.44 -9.06
C ALA B 207 -20.71 14.50 -7.70
N TRP B 208 -19.39 14.64 -7.73
CA TRP B 208 -18.56 14.83 -6.53
C TRP B 208 -18.91 16.17 -5.86
N SER B 209 -19.01 17.23 -6.66
CA SER B 209 -19.45 18.54 -6.15
C SER B 209 -20.82 18.45 -5.49
N GLN B 210 -21.75 17.81 -6.19
CA GLN B 210 -23.12 17.64 -5.74
C GLN B 210 -23.18 16.90 -4.40
N ARG B 211 -22.42 15.82 -4.29
CA ARG B 211 -22.38 15.04 -3.04
C ARG B 211 -21.85 15.87 -1.86
N LEU B 212 -20.85 16.70 -2.12
CA LEU B 212 -20.22 17.48 -1.06
C LEU B 212 -21.17 18.51 -0.44
N GLN B 213 -22.17 18.95 -1.19
CA GLN B 213 -23.20 19.87 -0.69
C GLN B 213 -23.95 19.33 0.52
N THR B 214 -24.19 18.02 0.54
CA THR B 214 -24.95 17.37 1.63
C THR B 214 -24.10 16.38 2.44
N ILE B 215 -22.79 16.54 2.39
CA ILE B 215 -21.87 15.59 3.02
C ILE B 215 -22.06 15.48 4.55
N TRP B 216 -22.52 16.54 5.19
CA TRP B 216 -22.66 16.56 6.66
C TRP B 216 -23.92 15.86 7.17
N LYS B 217 -24.88 15.59 6.28
CA LYS B 217 -26.09 14.82 6.62
C LYS B 217 -25.96 13.31 6.40
N GLU B 218 -24.87 12.87 5.78
CA GLU B 218 -24.66 11.44 5.51
C GLU B 218 -24.31 10.68 6.79
N GLU B 219 -24.76 9.43 6.85
CA GLU B 219 -24.33 8.46 7.84
C GLU B 219 -23.17 7.64 7.32
N PRO B 220 -22.29 7.18 8.23
CA PRO B 220 -21.21 6.31 7.80
C PRO B 220 -21.70 4.92 7.43
N ILE B 221 -20.96 4.24 6.57
CA ILE B 221 -21.23 2.84 6.25
C ILE B 221 -21.01 1.97 7.49
N PRO B 222 -21.61 0.76 7.53
CA PRO B 222 -21.18 -0.24 8.50
C PRO B 222 -19.90 -0.89 7.98
N CYS B 223 -18.75 -0.52 8.55
CA CYS B 223 -17.47 -1.01 8.07
C CYS B 223 -17.22 -2.43 8.58
N THR B 224 -17.82 -3.41 7.91
CA THR B 224 -17.76 -4.80 8.31
C THR B 224 -17.32 -5.67 7.17
N ALA B 225 -16.89 -6.88 7.52
CA ALA B 225 -16.63 -7.93 6.54
C ALA B 225 -17.83 -8.15 5.62
N HIS B 226 -19.02 -8.18 6.21
CA HIS B 226 -20.28 -8.35 5.49
C HIS B 226 -20.55 -7.26 4.44
N TRP B 227 -20.23 -6.01 4.78
CA TRP B 227 -20.37 -4.90 3.84
C TRP B 227 -19.45 -5.04 2.63
N HIS B 228 -18.21 -5.44 2.90
CA HIS B 228 -17.20 -5.49 1.84
C HIS B 228 -17.32 -6.74 0.98
N PHE B 229 -17.70 -7.86 1.59
CA PHE B 229 -17.64 -9.17 0.93
C PHE B 229 -18.96 -9.92 0.72
N GLY B 230 -20.07 -9.44 1.28
CA GLY B 230 -21.34 -10.19 1.26
C GLY B 230 -21.93 -10.43 -0.12
#